data_7PZJ
#
_entry.id   7PZJ
#
_cell.length_a   109.755
_cell.length_b   109.755
_cell.length_c   41.803
_cell.angle_alpha   90.000
_cell.angle_beta   90.000
_cell.angle_gamma   90.000
#
_symmetry.space_group_name_H-M   'P 43 21 2'
#
loop_
_entity.id
_entity.type
_entity.pdbx_description
1 polymer Lipase
2 non-polymer 'POTASSIUM ION'
3 water water
#
_entity_poly.entity_id   1
_entity_poly.type   'polypeptide(L)'
_entity_poly.pdbx_seq_one_letter_code
;MRKLYLFLFLTLISPISISIFHAQCTGATVESLTNPGPYTVATLSEADGVRNGPKYAGSTIYYPTNATPPYASIAIVPGF
TAAPSSVQEWGPFYASHGIVAIIIGTNSLYDQPEARALALLDALETIKQENGRATSPLIGKLDVTKLAVSGWSMGGGGAQ
RAAVLDNTISAVVALCPYLTSPQLNHTVPVLIFSGQSDPTAPPSQHANVHYNTTPGTTNKLLFEVKNGNHSVANSPTGGG
GAVGKLALSWLKIYLEKNDCYCSVLATAIVNSTTVSSKISQSYQCNNALGVVDSKTRFNLYPNPTKDFVQVNVREMASYQ
LSSSTGQIVLKGIVTSSKNQIDLSKLPAGVYYLQINGETIKVIKKQ
;
_entity_poly.pdbx_strand_id   A
#
# COMPACT_ATOMS: atom_id res chain seq x y z
N ALA A 28 10.53 13.88 -10.09
CA ALA A 28 10.31 13.08 -11.28
C ALA A 28 11.49 12.16 -11.62
N THR A 29 12.25 11.74 -10.60
CA THR A 29 13.36 10.80 -10.78
C THR A 29 13.35 9.81 -9.60
N VAL A 30 14.13 8.73 -9.75
CA VAL A 30 14.25 7.76 -8.65
C VAL A 30 14.88 8.41 -7.43
N GLU A 31 15.53 9.56 -7.60
CA GLU A 31 16.05 10.33 -6.46
C GLU A 31 14.91 10.99 -5.68
N SER A 32 13.76 11.21 -6.33
CA SER A 32 12.63 11.77 -5.61
C SER A 32 12.00 10.78 -4.64
N LEU A 33 12.38 9.51 -4.71
CA LEU A 33 11.86 8.43 -3.87
C LEU A 33 12.64 8.27 -2.57
N THR A 34 13.44 9.25 -2.21
CA THR A 34 14.27 9.19 -1.03
C THR A 34 13.41 8.99 0.22
N ASN A 35 13.94 8.27 1.16
CA ASN A 35 13.31 8.14 2.46
C ASN A 35 13.86 9.26 3.35
N PRO A 36 13.10 9.64 4.28
CA PRO A 36 12.46 10.96 4.30
C PRO A 36 12.21 11.61 2.94
N GLY A 37 10.94 11.90 2.63
CA GLY A 37 10.62 12.83 1.58
C GLY A 37 10.65 14.26 2.09
N PRO A 38 10.11 15.21 1.32
CA PRO A 38 10.32 16.63 1.64
C PRO A 38 9.36 17.23 2.66
N TYR A 39 8.23 16.61 2.95
CA TYR A 39 7.25 17.24 3.82
C TYR A 39 7.41 16.86 5.28
N THR A 40 7.03 17.82 6.12
CA THR A 40 7.00 17.65 7.56
C THR A 40 5.80 16.80 7.95
N VAL A 41 6.05 15.84 8.83
CA VAL A 41 5.05 14.86 9.26
C VAL A 41 4.53 15.19 10.67
N ALA A 42 3.19 15.14 10.83
CA ALA A 42 2.54 15.19 12.13
C ALA A 42 1.57 14.03 12.20
N THR A 43 1.04 13.76 13.42
CA THR A 43 0.11 12.65 13.61
C THR A 43 -1.14 13.06 14.35
N LEU A 44 -2.22 12.32 14.08
CA LEU A 44 -3.47 12.46 14.80
C LEU A 44 -3.96 11.09 15.21
N SER A 45 -4.80 11.02 16.25
CA SER A 45 -5.34 9.73 16.61
C SER A 45 -6.70 9.91 17.28
N GLU A 46 -7.29 8.79 17.69
CA GLU A 46 -8.50 8.88 18.49
C GLU A 46 -8.30 9.72 19.73
N ALA A 47 -7.07 9.78 20.25
CA ALA A 47 -6.82 10.64 21.41
C ALA A 47 -7.14 12.09 21.11
N ASP A 48 -7.17 12.48 19.83
CA ASP A 48 -7.46 13.86 19.43
C ASP A 48 -8.90 14.07 19.02
N GLY A 49 -9.71 13.01 18.99
CA GLY A 49 -11.05 13.12 18.45
C GLY A 49 -11.29 12.37 17.15
N VAL A 50 -10.26 11.80 16.53
CA VAL A 50 -10.51 11.01 15.31
C VAL A 50 -11.62 9.99 15.56
N ARG A 51 -12.45 9.74 14.54
CA ARG A 51 -13.49 8.72 14.67
C ARG A 51 -12.91 7.42 15.19
N ASN A 52 -13.64 6.81 16.16
CA ASN A 52 -13.37 5.46 16.63
C ASN A 52 -14.10 4.51 15.70
N GLY A 53 -13.38 3.90 14.75
CA GLY A 53 -14.03 2.97 13.84
C GLY A 53 -14.30 1.64 14.51
N PRO A 54 -15.54 1.17 14.43
CA PRO A 54 -15.87 -0.06 15.18
C PRO A 54 -15.16 -1.29 14.67
N LYS A 55 -14.67 -1.31 13.44
CA LYS A 55 -14.14 -2.54 12.88
C LYS A 55 -12.66 -2.72 13.09
N TYR A 56 -12.00 -1.84 13.86
CA TYR A 56 -10.58 -2.02 14.12
C TYR A 56 -10.25 -1.44 15.50
N ALA A 57 -8.99 -1.48 15.87
CA ALA A 57 -8.59 -1.09 17.23
C ALA A 57 -7.48 -0.05 17.17
N GLY A 58 -7.90 1.21 17.16
CA GLY A 58 -6.96 2.30 17.22
C GLY A 58 -6.45 2.69 15.86
N SER A 59 -6.17 3.98 15.71
CA SER A 59 -5.52 4.48 14.51
C SER A 59 -4.43 5.47 14.87
N THR A 60 -3.44 5.57 13.97
CA THR A 60 -2.57 6.75 13.92
C THR A 60 -2.57 7.27 12.50
N ILE A 61 -2.92 8.54 12.34
CA ILE A 61 -2.93 9.21 11.05
C ILE A 61 -1.63 10.00 10.96
N TYR A 62 -0.82 9.69 9.96
CA TYR A 62 0.38 10.44 9.61
C TYR A 62 0.02 11.33 8.43
N TYR A 63 0.34 12.61 8.52
CA TYR A 63 -0.06 13.55 7.48
C TYR A 63 1.01 14.62 7.28
N PRO A 64 1.13 15.16 6.06
CA PRO A 64 2.07 16.27 5.84
C PRO A 64 1.48 17.55 6.37
N THR A 65 2.30 18.33 7.05
CA THR A 65 1.84 19.61 7.59
C THR A 65 2.06 20.76 6.63
N ASN A 66 2.86 20.57 5.57
CA ASN A 66 3.30 21.68 4.73
C ASN A 66 3.25 21.31 3.25
N ALA A 67 2.39 20.35 2.88
CA ALA A 67 2.07 20.08 1.49
C ALA A 67 0.85 20.90 1.09
N THR A 68 0.69 21.09 -0.22
CA THR A 68 -0.50 21.79 -0.75
C THR A 68 -1.72 20.86 -0.75
N PRO A 69 -2.83 21.22 -0.10
CA PRO A 69 -4.03 20.34 -0.09
C PRO A 69 -4.50 20.07 -1.50
N PRO A 70 -5.58 19.36 -1.65
CA PRO A 70 -5.73 18.05 -0.97
C PRO A 70 -4.76 16.92 -1.09
N TYR A 71 -4.83 16.06 -0.09
CA TYR A 71 -3.93 14.93 0.02
C TYR A 71 -4.71 13.64 -0.18
N ALA A 72 -4.11 12.73 -0.92
CA ALA A 72 -4.54 11.35 -1.01
C ALA A 72 -4.21 10.65 0.31
N SER A 73 -4.88 9.53 0.56
CA SER A 73 -4.63 8.72 1.74
C SER A 73 -4.47 7.24 1.41
N ILE A 74 -3.72 6.56 2.27
CA ILE A 74 -3.62 5.11 2.26
C ILE A 74 -3.90 4.59 3.66
N ALA A 75 -4.72 3.53 3.75
CA ALA A 75 -4.98 2.86 5.01
C ALA A 75 -4.12 1.60 5.08
N ILE A 76 -3.48 1.35 6.22
CA ILE A 76 -2.52 0.24 6.38
C ILE A 76 -2.85 -0.55 7.64
N VAL A 77 -2.81 -1.88 7.53
CA VAL A 77 -3.15 -2.77 8.65
C VAL A 77 -2.13 -3.91 8.74
N PRO A 78 -1.68 -4.29 9.93
CA PRO A 78 -0.67 -5.35 10.05
C PRO A 78 -1.36 -6.70 9.94
N GLY A 79 -0.60 -7.77 10.12
CA GLY A 79 -1.16 -9.09 10.06
C GLY A 79 -1.98 -9.38 11.31
N PHE A 80 -2.63 -10.54 11.29
CA PHE A 80 -3.49 -10.90 12.42
C PHE A 80 -2.66 -11.09 13.68
N THR A 81 -3.13 -10.48 14.76
CA THR A 81 -2.55 -10.46 16.11
C THR A 81 -1.48 -9.38 16.25
N ALA A 82 -0.90 -8.92 15.13
CA ALA A 82 0.29 -8.07 15.20
C ALA A 82 -0.06 -6.61 15.46
N ALA A 83 0.83 -5.94 16.18
CA ALA A 83 0.62 -4.55 16.54
C ALA A 83 0.99 -3.64 15.37
N PRO A 84 0.39 -2.45 15.33
CA PRO A 84 0.74 -1.50 14.25
C PRO A 84 2.22 -1.19 14.21
N SER A 85 2.93 -1.26 15.34
CA SER A 85 4.35 -0.97 15.29
C SER A 85 5.09 -1.83 14.27
N SER A 86 4.53 -2.99 13.90
CA SER A 86 5.16 -3.87 12.92
C SER A 86 5.25 -3.26 11.54
N VAL A 87 4.33 -2.34 11.19
CA VAL A 87 4.35 -1.70 9.88
C VAL A 87 4.47 -0.18 9.96
N GLN A 88 4.80 0.36 11.13
CA GLN A 88 4.62 1.79 11.39
C GLN A 88 5.54 2.68 10.54
N GLU A 89 6.70 2.18 10.10
CA GLU A 89 7.60 3.02 9.31
C GLU A 89 7.00 3.45 7.97
N TRP A 90 5.95 2.80 7.50
CA TRP A 90 5.30 3.30 6.31
C TRP A 90 4.61 4.65 6.54
N GLY A 91 4.21 4.93 7.78
CA GLY A 91 3.46 6.14 8.05
C GLY A 91 4.24 7.40 7.75
N PRO A 92 5.35 7.60 8.46
CA PRO A 92 6.17 8.80 8.18
C PRO A 92 6.74 8.81 6.78
N PHE A 93 7.05 7.64 6.21
CA PHE A 93 7.52 7.59 4.83
C PHE A 93 6.49 8.18 3.87
N TYR A 94 5.27 7.63 3.88
CA TYR A 94 4.26 8.12 2.92
C TYR A 94 3.90 9.60 3.19
N ALA A 95 3.69 9.94 4.46
CA ALA A 95 3.32 11.32 4.81
C ALA A 95 4.41 12.30 4.42
N SER A 96 5.70 11.90 4.56
CA SER A 96 6.80 12.77 4.17
C SER A 96 6.84 12.99 2.66
N HIS A 97 6.11 12.19 1.91
CA HIS A 97 5.92 12.35 0.48
C HIS A 97 4.53 12.86 0.11
N GLY A 98 3.80 13.43 1.05
CA GLY A 98 2.55 14.11 0.75
C GLY A 98 1.30 13.24 0.81
N ILE A 99 1.43 11.99 1.24
CA ILE A 99 0.33 11.04 1.26
C ILE A 99 -0.04 10.74 2.70
N VAL A 100 -1.25 11.09 3.08
CA VAL A 100 -1.77 10.75 4.39
C VAL A 100 -1.80 9.25 4.56
N ALA A 101 -1.35 8.76 5.72
CA ALA A 101 -1.38 7.33 6.02
C ALA A 101 -2.11 7.10 7.33
N ILE A 102 -3.11 6.21 7.30
CA ILE A 102 -3.81 5.80 8.50
C ILE A 102 -3.47 4.35 8.75
N ILE A 103 -2.74 4.12 9.84
CA ILE A 103 -2.34 2.80 10.28
C ILE A 103 -3.24 2.39 11.42
N ILE A 104 -3.89 1.25 11.28
CA ILE A 104 -4.86 0.81 12.25
C ILE A 104 -4.35 -0.45 12.88
N GLY A 105 -4.76 -0.67 14.13
CA GLY A 105 -4.55 -1.93 14.79
C GLY A 105 -5.82 -2.75 14.74
N THR A 106 -5.70 -3.98 15.23
CA THR A 106 -6.82 -4.91 15.30
C THR A 106 -6.92 -5.48 16.71
N ASN A 107 -8.14 -5.67 17.19
CA ASN A 107 -8.42 -6.63 18.26
C ASN A 107 -8.90 -7.89 17.58
N SER A 108 -8.45 -9.04 18.03
CA SER A 108 -8.88 -10.24 17.32
C SER A 108 -10.41 -10.31 17.24
N LEU A 109 -10.91 -10.54 16.01
CA LEU A 109 -12.33 -10.74 15.75
C LEU A 109 -12.55 -12.05 15.00
N TYR A 110 -11.97 -12.14 13.79
CA TYR A 110 -12.07 -13.32 12.94
C TYR A 110 -10.75 -13.57 12.24
N ASP A 111 -10.33 -14.84 12.23
CA ASP A 111 -9.10 -15.26 11.60
C ASP A 111 -9.27 -15.41 10.10
N GLN A 112 -9.79 -14.37 9.43
CA GLN A 112 -10.10 -14.41 8.00
C GLN A 112 -9.73 -13.08 7.34
N PRO A 113 -9.07 -13.11 6.18
CA PRO A 113 -8.73 -11.85 5.52
C PRO A 113 -9.94 -10.99 5.14
N GLU A 114 -11.18 -11.49 5.27
CA GLU A 114 -12.34 -10.66 4.90
C GLU A 114 -12.75 -9.70 6.01
N ALA A 115 -12.64 -10.10 7.28
CA ALA A 115 -12.76 -9.12 8.35
C ALA A 115 -11.65 -8.07 8.23
N ARG A 116 -10.51 -8.44 7.68
CA ARG A 116 -9.42 -7.49 7.48
C ARG A 116 -9.76 -6.49 6.40
N ALA A 117 -10.45 -6.94 5.36
CA ALA A 117 -10.91 -6.01 4.32
C ALA A 117 -11.89 -5.01 4.89
N LEU A 118 -12.81 -5.47 5.74
CA LEU A 118 -13.80 -4.56 6.30
C LEU A 118 -13.15 -3.59 7.28
N ALA A 119 -12.13 -4.03 8.02
CA ALA A 119 -11.39 -3.10 8.87
C ALA A 119 -10.79 -1.98 8.03
N LEU A 120 -10.20 -2.33 6.88
CA LEU A 120 -9.58 -1.30 6.05
C LEU A 120 -10.62 -0.34 5.48
N LEU A 121 -11.77 -0.87 5.06
CA LEU A 121 -12.84 -0.01 4.57
C LEU A 121 -13.36 0.90 5.68
N ASP A 122 -13.39 0.41 6.91
CA ASP A 122 -13.77 1.25 8.05
C ASP A 122 -12.70 2.31 8.31
N ALA A 123 -11.43 1.95 8.13
CA ALA A 123 -10.39 2.97 8.25
C ALA A 123 -10.57 4.05 7.20
N LEU A 124 -10.97 3.68 5.99
CA LEU A 124 -11.20 4.69 4.95
C LEU A 124 -12.38 5.60 5.32
N GLU A 125 -13.44 5.05 5.88
CA GLU A 125 -14.54 5.86 6.40
C GLU A 125 -14.05 6.83 7.49
N THR A 126 -13.08 6.44 8.29
CA THR A 126 -12.54 7.36 9.28
C THR A 126 -11.85 8.53 8.59
N ILE A 127 -11.14 8.24 7.50
CA ILE A 127 -10.50 9.29 6.72
C ILE A 127 -11.56 10.21 6.11
N LYS A 128 -12.60 9.62 5.51
CA LYS A 128 -13.66 10.42 4.91
C LYS A 128 -14.31 11.34 5.94
N GLN A 129 -14.59 10.84 7.15
CA GLN A 129 -15.16 11.70 8.18
C GLN A 129 -14.16 12.73 8.69
N GLU A 130 -12.88 12.36 8.75
CA GLU A 130 -11.87 13.30 9.19
C GLU A 130 -11.85 14.58 8.34
N ASN A 131 -12.18 14.48 7.06
CA ASN A 131 -12.20 15.66 6.21
C ASN A 131 -13.26 16.69 6.63
N GLY A 132 -14.23 16.31 7.46
CA GLY A 132 -15.21 17.25 7.95
C GLY A 132 -15.21 17.45 9.46
N ARG A 133 -14.17 16.97 10.15
CA ARG A 133 -14.18 16.95 11.62
C ARG A 133 -13.73 18.31 12.12
N ALA A 134 -14.61 19.02 12.81
CA ALA A 134 -14.25 20.31 13.38
C ALA A 134 -13.04 20.16 14.26
N THR A 135 -12.12 21.10 14.16
CA THR A 135 -10.89 21.18 14.93
C THR A 135 -9.80 20.27 14.34
N SER A 136 -10.12 19.38 13.39
CA SER A 136 -9.10 18.53 12.79
C SER A 136 -8.13 19.39 12.02
N PRO A 137 -6.82 19.20 12.16
CA PRO A 137 -5.91 19.89 11.21
C PRO A 137 -6.15 19.48 9.75
N LEU A 138 -6.87 18.41 9.50
CA LEU A 138 -7.05 17.94 8.14
C LEU A 138 -8.41 18.31 7.57
N ILE A 139 -9.18 19.12 8.28
CA ILE A 139 -10.50 19.49 7.78
C ILE A 139 -10.35 20.17 6.42
N GLY A 140 -11.12 19.70 5.45
CA GLY A 140 -11.08 20.28 4.13
C GLY A 140 -9.82 20.01 3.34
N LYS A 141 -8.94 19.12 3.80
CA LYS A 141 -7.65 18.94 3.15
C LYS A 141 -7.49 17.56 2.55
N LEU A 142 -8.47 16.68 2.68
CA LEU A 142 -8.33 15.30 2.19
C LEU A 142 -9.07 15.13 0.88
N ASP A 143 -8.42 14.50 -0.10
CA ASP A 143 -9.11 14.12 -1.34
C ASP A 143 -9.65 12.70 -1.12
N VAL A 144 -10.94 12.63 -0.78
CA VAL A 144 -11.52 11.37 -0.33
C VAL A 144 -11.93 10.49 -1.49
N THR A 145 -11.67 10.91 -2.73
CA THR A 145 -11.74 10.01 -3.86
C THR A 145 -10.38 9.46 -4.26
N LYS A 146 -9.32 9.79 -3.55
CA LYS A 146 -8.00 9.21 -3.81
C LYS A 146 -7.62 8.43 -2.56
N LEU A 147 -8.06 7.18 -2.49
CA LEU A 147 -7.86 6.33 -1.34
C LEU A 147 -7.18 5.04 -1.78
N ALA A 148 -6.22 4.59 -0.98
CA ALA A 148 -5.52 3.35 -1.23
C ALA A 148 -5.58 2.51 0.03
N VAL A 149 -5.27 1.22 -0.11
CA VAL A 149 -5.15 0.32 1.03
C VAL A 149 -3.89 -0.52 0.91
N SER A 150 -3.39 -0.96 2.08
CA SER A 150 -2.18 -1.75 2.18
C SER A 150 -2.28 -2.61 3.42
N GLY A 151 -1.57 -3.72 3.44
CA GLY A 151 -1.64 -4.56 4.61
C GLY A 151 -0.65 -5.67 4.56
N TRP A 152 -0.33 -6.19 5.74
CA TRP A 152 0.64 -7.26 5.90
C TRP A 152 -0.06 -8.59 6.19
N SER A 153 0.39 -9.64 5.50
CA SER A 153 -0.05 -11.01 5.75
C SER A 153 -1.55 -11.10 5.57
N MET A 154 -2.33 -11.53 6.56
CA MET A 154 -3.76 -11.54 6.30
C MET A 154 -4.30 -10.15 6.06
N GLY A 155 -3.61 -9.12 6.56
CA GLY A 155 -3.96 -7.77 6.21
C GLY A 155 -3.73 -7.43 4.74
N GLY A 156 -2.79 -8.14 4.10
CA GLY A 156 -2.55 -7.94 2.69
C GLY A 156 -3.51 -8.70 1.84
N GLY A 157 -3.99 -9.85 2.33
CA GLY A 157 -5.14 -10.46 1.71
C GLY A 157 -6.38 -9.58 1.86
N GLY A 158 -6.57 -9.00 3.05
CA GLY A 158 -7.69 -8.08 3.26
C GLY A 158 -7.61 -6.87 2.33
N ALA A 159 -6.41 -6.32 2.14
CA ALA A 159 -6.30 -5.15 1.29
C ALA A 159 -6.77 -5.45 -0.12
N GLN A 160 -6.40 -6.62 -0.65
CA GLN A 160 -6.83 -6.97 -2.00
C GLN A 160 -8.32 -7.28 -2.06
N ARG A 161 -8.88 -7.92 -1.01
CA ARG A 161 -10.33 -8.11 -0.95
C ARG A 161 -11.06 -6.79 -0.75
N ALA A 162 -10.46 -5.82 -0.05
CA ALA A 162 -11.09 -4.50 0.06
C ALA A 162 -11.32 -3.89 -1.31
N ALA A 163 -10.35 -4.07 -2.21
CA ALA A 163 -10.52 -3.58 -3.57
C ALA A 163 -11.70 -4.25 -4.28
N VAL A 164 -11.90 -5.56 -4.06
CA VAL A 164 -13.05 -6.24 -4.62
C VAL A 164 -14.35 -5.64 -4.09
N LEU A 165 -14.44 -5.51 -2.77
CA LEU A 165 -15.64 -5.00 -2.12
C LEU A 165 -15.87 -3.52 -2.42
N ASP A 166 -14.82 -2.74 -2.61
CA ASP A 166 -14.93 -1.32 -3.01
C ASP A 166 -13.97 -0.99 -4.15
N ASN A 167 -14.43 -1.20 -5.36
CA ASN A 167 -13.60 -1.04 -6.54
C ASN A 167 -13.32 0.41 -6.87
N THR A 168 -13.79 1.38 -6.07
CA THR A 168 -13.37 2.76 -6.24
C THR A 168 -12.02 3.07 -5.58
N ILE A 169 -11.49 2.18 -4.74
CA ILE A 169 -10.14 2.36 -4.20
C ILE A 169 -9.14 2.50 -5.34
N SER A 170 -8.11 3.32 -5.16
CA SER A 170 -7.26 3.70 -6.29
C SER A 170 -6.00 2.87 -6.41
N ALA A 171 -5.51 2.28 -5.30
CA ALA A 171 -4.37 1.37 -5.40
C ALA A 171 -4.37 0.45 -4.20
N VAL A 172 -3.73 -0.71 -4.36
CA VAL A 172 -3.45 -1.66 -3.28
C VAL A 172 -1.94 -1.90 -3.20
N VAL A 173 -1.40 -1.91 -1.99
CA VAL A 173 -0.03 -2.34 -1.74
C VAL A 173 -0.10 -3.49 -0.74
N ALA A 174 0.14 -4.70 -1.21
CA ALA A 174 0.06 -5.89 -0.36
C ALA A 174 1.45 -6.27 0.09
N LEU A 175 1.62 -6.46 1.39
CA LEU A 175 2.91 -6.80 1.97
C LEU A 175 2.89 -8.27 2.40
N CYS A 176 3.60 -9.12 1.68
CA CYS A 176 3.64 -10.56 1.94
C CYS A 176 2.24 -11.07 2.28
N PRO A 177 1.28 -10.94 1.35
CA PRO A 177 -0.11 -11.22 1.66
C PRO A 177 -0.36 -12.70 1.92
N TYR A 178 -1.31 -12.97 2.81
CA TYR A 178 -1.84 -14.29 3.09
C TYR A 178 -3.31 -14.30 2.70
N LEU A 179 -3.68 -15.16 1.74
CA LEU A 179 -5.10 -15.38 1.43
C LEU A 179 -5.22 -16.65 0.60
N THR A 180 -5.94 -17.65 1.12
CA THR A 180 -5.90 -18.96 0.51
C THR A 180 -6.84 -19.08 -0.69
N SER A 181 -8.10 -18.67 -0.56
CA SER A 181 -8.92 -19.13 -1.70
C SER A 181 -9.35 -17.97 -2.60
N PRO A 182 -8.41 -17.25 -3.18
CA PRO A 182 -8.68 -15.84 -3.49
C PRO A 182 -9.63 -15.70 -4.68
N GLN A 183 -10.64 -14.87 -4.50
CA GLN A 183 -11.40 -14.27 -5.59
C GLN A 183 -11.03 -12.80 -5.55
N LEU A 184 -10.34 -12.34 -6.59
CA LEU A 184 -9.72 -11.02 -6.68
C LEU A 184 -10.23 -10.28 -7.91
N ASN A 185 -11.55 -10.28 -8.07
CA ASN A 185 -12.22 -9.66 -9.20
C ASN A 185 -12.32 -8.15 -8.98
N HIS A 186 -11.23 -7.45 -9.29
CA HIS A 186 -11.18 -6.00 -9.18
C HIS A 186 -10.23 -5.46 -10.23
N THR A 187 -10.36 -4.16 -10.48
CA THR A 187 -9.55 -3.40 -11.42
C THR A 187 -8.64 -2.39 -10.74
N VAL A 188 -8.34 -2.56 -9.46
CA VAL A 188 -7.58 -1.59 -8.69
C VAL A 188 -6.10 -1.90 -8.90
N PRO A 189 -5.31 -0.97 -9.37
CA PRO A 189 -3.87 -1.28 -9.50
C PRO A 189 -3.28 -1.84 -8.22
N VAL A 190 -2.67 -3.02 -8.30
CA VAL A 190 -2.22 -3.73 -7.11
C VAL A 190 -0.75 -4.11 -7.22
N LEU A 191 0.01 -3.72 -6.21
CA LEU A 191 1.43 -4.03 -6.08
C LEU A 191 1.53 -5.01 -4.93
N ILE A 192 2.12 -6.17 -5.20
CA ILE A 192 2.28 -7.26 -4.25
C ILE A 192 3.77 -7.40 -3.97
N PHE A 193 4.17 -7.29 -2.70
CA PHE A 193 5.50 -7.68 -2.27
C PHE A 193 5.45 -9.04 -1.59
N SER A 194 6.51 -9.82 -1.78
CA SER A 194 6.60 -11.12 -1.13
C SER A 194 8.04 -11.37 -0.73
N GLY A 195 8.21 -12.38 0.12
CA GLY A 195 9.52 -12.80 0.59
C GLY A 195 9.81 -14.20 0.08
N GLN A 196 10.93 -14.34 -0.63
CA GLN A 196 11.33 -15.64 -1.17
C GLN A 196 11.40 -16.69 -0.07
N SER A 197 11.84 -16.29 1.10
CA SER A 197 11.99 -17.18 2.25
C SER A 197 10.82 -17.02 3.21
N ASP A 198 9.66 -16.62 2.71
CA ASP A 198 8.52 -16.40 3.61
C ASP A 198 7.98 -17.77 3.94
N PRO A 199 8.09 -18.23 5.20
CA PRO A 199 7.47 -19.50 5.57
C PRO A 199 5.99 -19.41 5.89
N THR A 200 5.47 -18.24 6.24
CA THR A 200 4.10 -18.06 6.73
C THR A 200 3.10 -17.90 5.59
N ALA A 201 3.45 -17.11 4.58
CA ALA A 201 2.63 -16.89 3.39
C ALA A 201 3.51 -17.20 2.19
N PRO A 202 3.91 -18.44 2.01
CA PRO A 202 4.87 -18.76 0.94
C PRO A 202 4.37 -18.24 -0.38
N PRO A 203 5.23 -17.59 -1.17
CA PRO A 203 4.76 -16.97 -2.43
C PRO A 203 4.07 -17.95 -3.37
N SER A 204 4.53 -19.20 -3.40
CA SER A 204 3.93 -20.14 -4.35
C SER A 204 2.49 -20.43 -3.97
N GLN A 205 2.16 -20.33 -2.70
CA GLN A 205 0.78 -20.54 -2.27
C GLN A 205 -0.02 -19.26 -2.09
N HIS A 206 0.64 -18.10 -2.10
CA HIS A 206 -0.08 -16.87 -1.78
C HIS A 206 0.19 -15.78 -2.81
N ALA A 207 1.23 -14.99 -2.59
CA ALA A 207 1.46 -13.82 -3.44
C ALA A 207 1.37 -14.17 -4.91
N ASN A 208 2.02 -15.27 -5.32
CA ASN A 208 2.08 -15.63 -6.73
C ASN A 208 0.70 -15.97 -7.27
N VAL A 209 -0.07 -16.69 -6.47
CA VAL A 209 -1.45 -17.02 -6.80
C VAL A 209 -2.29 -15.75 -6.84
N HIS A 210 -2.10 -14.83 -5.89
CA HIS A 210 -2.89 -13.60 -5.90
C HIS A 210 -2.62 -12.83 -7.19
N TYR A 211 -1.34 -12.72 -7.53
CA TYR A 211 -0.98 -12.07 -8.78
C TYR A 211 -1.69 -12.70 -9.96
N ASN A 212 -1.71 -14.02 -10.03
CA ASN A 212 -2.20 -14.65 -11.25
C ASN A 212 -3.73 -14.70 -11.31
N THR A 213 -4.41 -14.71 -10.16
CA THR A 213 -5.86 -14.71 -10.20
C THR A 213 -6.45 -13.31 -10.35
N THR A 214 -5.70 -12.26 -9.99
CA THR A 214 -6.12 -10.89 -10.34
C THR A 214 -6.31 -10.80 -11.86
N PRO A 215 -7.32 -10.07 -12.34
CA PRO A 215 -7.54 -10.04 -13.79
C PRO A 215 -6.29 -9.63 -14.53
N GLY A 216 -6.09 -10.25 -15.71
CA GLY A 216 -4.99 -9.89 -16.55
C GLY A 216 -5.03 -8.44 -17.03
N THR A 217 -6.22 -7.87 -17.21
CA THR A 217 -6.32 -6.48 -17.61
C THR A 217 -6.17 -5.50 -16.44
N THR A 218 -6.10 -5.99 -15.20
CA THR A 218 -5.83 -5.12 -14.06
C THR A 218 -4.35 -4.80 -13.98
N ASN A 219 -4.05 -3.54 -13.68
CA ASN A 219 -2.66 -3.14 -13.48
C ASN A 219 -2.08 -3.82 -12.25
N LYS A 220 -0.96 -4.51 -12.43
CA LYS A 220 -0.41 -5.28 -11.33
C LYS A 220 1.10 -5.45 -11.46
N LEU A 221 1.72 -5.66 -10.31
CA LEU A 221 3.16 -5.80 -10.20
C LEU A 221 3.47 -6.66 -8.98
N LEU A 222 4.33 -7.65 -9.17
CA LEU A 222 4.74 -8.59 -8.14
C LEU A 222 6.26 -8.46 -7.98
N PHE A 223 6.72 -8.23 -6.74
CA PHE A 223 8.13 -8.09 -6.44
C PHE A 223 8.48 -8.94 -5.21
N GLU A 224 9.30 -9.97 -5.44
CA GLU A 224 9.77 -10.89 -4.40
C GLU A 224 11.19 -10.51 -3.99
N VAL A 225 11.37 -10.26 -2.71
CA VAL A 225 12.68 -9.95 -2.14
C VAL A 225 13.46 -11.24 -1.98
N LYS A 226 14.62 -11.31 -2.62
CA LYS A 226 15.49 -12.49 -2.48
C LYS A 226 15.85 -12.71 -1.02
N ASN A 227 15.66 -13.94 -0.58
CA ASN A 227 15.90 -14.34 0.80
C ASN A 227 15.02 -13.62 1.81
N GLY A 228 13.99 -12.92 1.39
CA GLY A 228 13.22 -12.14 2.33
C GLY A 228 12.30 -13.01 3.15
N ASN A 229 12.15 -12.66 4.43
CA ASN A 229 11.26 -13.40 5.30
C ASN A 229 9.85 -12.79 5.21
N HIS A 230 8.94 -13.22 6.09
CA HIS A 230 7.54 -12.79 6.05
C HIS A 230 7.39 -11.30 6.38
N SER A 231 8.38 -10.70 7.04
CA SER A 231 8.33 -9.32 7.48
C SER A 231 9.03 -8.35 6.54
N VAL A 232 9.46 -8.81 5.37
CA VAL A 232 10.45 -8.08 4.58
C VAL A 232 9.88 -6.78 4.04
N ALA A 233 8.57 -6.69 3.84
CA ALA A 233 8.00 -5.44 3.33
C ALA A 233 7.31 -4.63 4.43
N ASN A 234 7.60 -4.92 5.69
CA ASN A 234 6.93 -4.23 6.78
C ASN A 234 7.40 -2.79 6.90
N SER A 235 8.48 -2.44 6.21
CA SER A 235 9.00 -1.10 6.19
C SER A 235 9.47 -0.77 4.78
N PRO A 236 9.45 0.51 4.39
CA PRO A 236 10.01 0.89 3.08
C PRO A 236 11.49 0.57 2.93
N THR A 237 12.21 0.38 4.03
CA THR A 237 13.62 -0.01 3.97
C THR A 237 13.83 -1.46 3.55
N GLY A 238 12.80 -2.30 3.54
CA GLY A 238 12.98 -3.65 3.03
C GLY A 238 13.63 -3.68 1.65
N GLY A 239 14.33 -4.76 1.33
CA GLY A 239 15.03 -4.82 0.05
C GLY A 239 16.01 -3.67 -0.14
N GLY A 240 16.71 -3.30 0.93
CA GLY A 240 17.62 -2.18 0.85
C GLY A 240 16.98 -0.90 0.37
N GLY A 241 15.69 -0.70 0.66
CA GLY A 241 14.98 0.47 0.22
C GLY A 241 14.15 0.25 -1.03
N ALA A 242 14.32 -0.88 -1.71
CA ALA A 242 13.55 -1.14 -2.92
C ALA A 242 12.05 -1.13 -2.64
N VAL A 243 11.67 -1.66 -1.48
CA VAL A 243 10.24 -1.79 -1.17
C VAL A 243 9.59 -0.41 -1.17
N GLY A 244 10.18 0.53 -0.46
CA GLY A 244 9.63 1.88 -0.43
C GLY A 244 9.65 2.55 -1.79
N LYS A 245 10.74 2.38 -2.55
CA LYS A 245 10.82 3.02 -3.85
C LYS A 245 9.71 2.54 -4.77
N LEU A 246 9.46 1.24 -4.79
CA LEU A 246 8.40 0.70 -5.66
C LEU A 246 7.01 1.09 -5.17
N ALA A 247 6.80 1.00 -3.86
CA ALA A 247 5.50 1.35 -3.30
C ALA A 247 5.16 2.81 -3.56
N LEU A 248 6.11 3.70 -3.31
CA LEU A 248 5.85 5.11 -3.50
C LEU A 248 5.62 5.44 -4.96
N SER A 249 6.47 4.89 -5.84
CA SER A 249 6.26 5.11 -7.27
C SER A 249 4.89 4.63 -7.68
N TRP A 250 4.48 3.44 -7.19
CA TRP A 250 3.17 2.90 -7.53
C TRP A 250 2.05 3.85 -7.13
N LEU A 251 2.14 4.38 -5.91
CA LEU A 251 1.09 5.29 -5.45
C LEU A 251 1.13 6.63 -6.19
N LYS A 252 2.32 7.14 -6.49
CA LYS A 252 2.37 8.39 -7.24
C LYS A 252 1.63 8.22 -8.55
N ILE A 253 1.81 7.08 -9.20
CA ILE A 253 1.13 6.84 -10.49
C ILE A 253 -0.36 6.64 -10.28
N TYR A 254 -0.73 5.66 -9.44
CA TYR A 254 -2.10 5.19 -9.47
C TYR A 254 -2.98 5.81 -8.41
N LEU A 255 -2.43 6.27 -7.29
CA LEU A 255 -3.22 6.96 -6.28
C LEU A 255 -3.28 8.46 -6.56
N GLU A 256 -2.14 9.07 -6.84
CA GLU A 256 -2.08 10.51 -7.08
C GLU A 256 -2.25 10.86 -8.55
N LYS A 257 -2.24 9.87 -9.44
CA LYS A 257 -2.46 10.10 -10.86
C LYS A 257 -1.36 10.99 -11.44
N ASN A 258 -0.13 10.75 -11.05
CA ASN A 258 1.02 11.55 -11.51
C ASN A 258 1.86 10.69 -12.45
N ASP A 259 1.61 10.84 -13.74
CA ASP A 259 2.29 10.07 -14.76
C ASP A 259 3.78 10.38 -14.86
N CYS A 260 4.26 11.47 -14.25
CA CYS A 260 5.71 11.70 -14.20
C CYS A 260 6.43 10.54 -13.51
N TYR A 261 5.72 9.71 -12.74
CA TYR A 261 6.39 8.66 -12.01
C TYR A 261 6.36 7.32 -12.75
N CYS A 262 5.80 7.30 -13.96
CA CYS A 262 5.85 6.08 -14.79
C CYS A 262 7.29 5.65 -15.07
N SER A 263 8.10 6.55 -15.61
CA SER A 263 9.49 6.21 -15.90
C SER A 263 10.28 5.99 -14.62
N VAL A 264 9.89 6.67 -13.54
CA VAL A 264 10.59 6.46 -12.27
C VAL A 264 10.44 5.01 -11.82
N LEU A 265 9.20 4.52 -11.78
CA LEU A 265 8.96 3.15 -11.36
C LEU A 265 9.76 2.17 -12.21
N ALA A 266 9.75 2.37 -13.53
CA ALA A 266 10.48 1.50 -14.43
C ALA A 266 11.93 1.44 -14.03
N THR A 267 12.52 2.63 -13.78
CA THR A 267 13.91 2.67 -13.36
C THR A 267 14.08 2.01 -12.01
N ALA A 268 13.16 2.28 -11.07
CA ALA A 268 13.28 1.69 -9.76
C ALA A 268 13.23 0.16 -9.86
N ILE A 269 12.44 -0.36 -10.80
CA ILE A 269 12.33 -1.80 -10.91
C ILE A 269 13.64 -2.41 -11.39
N VAL A 270 14.19 -1.88 -12.49
CA VAL A 270 15.51 -2.30 -12.95
C VAL A 270 16.52 -2.21 -11.80
N ASN A 271 16.62 -1.04 -11.17
CA ASN A 271 17.60 -0.87 -10.10
C ASN A 271 17.41 -1.88 -8.97
N SER A 272 16.17 -2.34 -8.75
CA SER A 272 15.83 -3.18 -7.62
C SER A 272 16.04 -4.66 -7.87
N THR A 273 16.37 -5.04 -9.11
CA THR A 273 16.45 -6.47 -9.46
C THR A 273 17.57 -7.15 -8.70
N THR A 274 18.63 -6.40 -8.37
CA THR A 274 19.71 -6.95 -7.61
C THR A 274 19.22 -7.60 -6.31
N VAL A 275 18.15 -7.10 -5.70
CA VAL A 275 17.73 -7.66 -4.42
C VAL A 275 16.49 -8.53 -4.57
N SER A 276 16.02 -8.77 -5.78
CA SER A 276 14.84 -9.59 -5.98
C SER A 276 15.20 -11.00 -6.40
N SER A 277 14.27 -11.91 -6.17
CA SER A 277 14.39 -13.26 -6.70
C SER A 277 13.31 -13.56 -7.72
N LYS A 278 12.35 -12.65 -7.86
CA LYS A 278 11.23 -12.78 -8.79
C LYS A 278 10.53 -11.44 -8.97
N ILE A 279 10.31 -11.05 -10.21
CA ILE A 279 9.51 -9.87 -10.55
C ILE A 279 8.57 -10.28 -11.66
N SER A 280 7.29 -9.98 -11.51
CA SER A 280 6.30 -10.16 -12.57
C SER A 280 5.57 -8.84 -12.78
N GLN A 281 5.59 -8.34 -13.99
CA GLN A 281 4.96 -7.05 -14.28
C GLN A 281 3.82 -7.26 -15.26
N SER A 282 2.72 -6.54 -15.04
CA SER A 282 1.58 -6.55 -15.96
C SER A 282 0.81 -5.25 -15.69
N TYR A 283 1.39 -4.15 -16.15
CA TYR A 283 0.79 -2.86 -15.86
C TYR A 283 1.04 -1.88 -16.98
N GLN A 284 0.11 -0.94 -17.10
CA GLN A 284 0.14 0.07 -18.13
C GLN A 284 0.21 1.46 -17.52
N CYS A 285 0.87 2.37 -18.24
CA CYS A 285 1.48 3.54 -17.62
C CYS A 285 1.86 4.51 -18.71
N ASN A 286 1.55 5.78 -18.52
CA ASN A 286 1.83 6.82 -19.50
C ASN A 286 3.08 7.56 -19.09
N ASN A 287 4.10 7.53 -19.93
CA ASN A 287 5.26 8.36 -19.63
C ASN A 287 5.25 9.60 -20.54
N ALA A 288 6.34 10.35 -20.49
CA ALA A 288 6.43 11.60 -21.23
C ALA A 288 6.29 11.40 -22.74
N LEU A 289 6.72 10.24 -23.24
CA LEU A 289 6.74 10.02 -24.68
C LEU A 289 5.56 9.21 -25.21
N GLY A 290 4.94 8.37 -24.39
CA GLY A 290 3.79 7.60 -24.84
C GLY A 290 3.26 6.59 -23.84
N VAL A 291 2.70 5.49 -24.33
CA VAL A 291 2.07 4.49 -23.46
C VAL A 291 2.96 3.27 -23.39
N VAL A 292 3.27 2.81 -22.18
CA VAL A 292 4.05 1.59 -21.96
C VAL A 292 3.15 0.53 -21.31
N ASP A 293 3.04 -0.62 -21.98
CA ASP A 293 2.34 -1.80 -21.48
C ASP A 293 3.41 -2.83 -21.11
N SER A 294 3.75 -2.93 -19.82
CA SER A 294 4.83 -3.78 -19.36
C SER A 294 4.27 -5.13 -18.91
N LYS A 295 4.80 -6.22 -19.49
CA LYS A 295 4.43 -7.58 -19.11
C LYS A 295 5.66 -8.46 -18.86
N THR A 296 6.78 -7.90 -18.52
CA THR A 296 8.03 -8.62 -18.34
C THR A 296 8.05 -9.43 -17.06
N ARG A 297 8.86 -10.48 -17.08
CA ARG A 297 9.13 -11.30 -15.90
C ARG A 297 10.63 -11.55 -15.70
N PHE A 298 11.05 -11.51 -14.43
CA PHE A 298 12.40 -11.85 -13.99
C PHE A 298 12.27 -13.03 -13.04
N ASN A 299 13.20 -13.98 -13.19
CA ASN A 299 13.29 -15.14 -12.31
C ASN A 299 14.76 -15.50 -12.15
N LEU A 300 15.12 -15.94 -10.95
CA LEU A 300 16.48 -16.42 -10.69
C LEU A 300 16.85 -17.64 -11.53
#